data_1X08
#
_entry.id   1X08
#
_cell.length_a   57.707
_cell.length_b   57.707
_cell.length_c   118.994
_cell.angle_alpha   90.00
_cell.angle_beta   90.00
_cell.angle_gamma   120.00
#
_symmetry.space_group_name_H-M   'P 32 2 1'
#
loop_
_entity.id
_entity.type
_entity.pdbx_description
1 polymer 'Undecaprenyl pyrophosphate synthetase'
2 non-polymer 'S-[(2E,6E)-3,7,11-TRIMETHYLDODECA-2,6,10-TRIENYL] TRIHYDROGEN THIODIPHOSPHATE'
3 non-polymer '3-METHYLBUT-3-ENYL TRIHYDROGEN DIPHOSPHATE'
4 water water
#
_entity_poly.entity_id   1
_entity_poly.type   'polypeptide(L)'
_entity_poly.pdbx_seq_one_letter_code
;MMLSATQPLSEKLPAHGCRHVAIIMAGNGRWAKKQGKIRAFGHKAGAKSVRRAVSFAANNGIEALTLYAFSSENWNRPAQ
EVSALMELFVWALDSEVKSLHRHNVRLRIIGDTSRFNSRLQERIRKSEALTAGNTGLTLNIAANYGGRWDIVQGVRQLAE
KVQQGNLQPDQIDEEMLNQHVCMHELAPVDLVIRTGGEHRISNFLLWQIAYAELYFTDVLWPDFDEQDFEGALNAFANRE
RRFGGTEPGDETA
;
_entity_poly.pdbx_strand_id   A
#
loop_
_chem_comp.id
_chem_comp.type
_chem_comp.name
_chem_comp.formula
FPS non-polymer 'S-[(2E,6E)-3,7,11-TRIMETHYLDODECA-2,6,10-TRIENYL] TRIHYDROGEN THIODIPHOSPHATE' 'C15 H28 O6 P2 S'
IPE non-polymer '3-METHYLBUT-3-ENYL TRIHYDROGEN DIPHOSPHATE' 'C5 H12 O7 P2'
#
# COMPACT_ATOMS: atom_id res chain seq x y z
N LEU A 13 2.73 7.77 20.66
CA LEU A 13 3.01 6.31 20.45
C LEU A 13 1.89 5.65 19.68
N PRO A 14 2.25 4.85 18.66
CA PRO A 14 1.28 4.14 17.81
C PRO A 14 -0.06 3.89 18.48
N ALA A 15 -1.09 4.42 17.83
CA ALA A 15 -2.45 4.29 18.31
C ALA A 15 -2.65 2.85 18.70
N HIS A 16 -2.82 2.65 20.01
CA HIS A 16 -3.06 1.34 20.56
C HIS A 16 -1.99 0.30 20.26
N GLY A 17 -0.74 0.75 20.15
CA GLY A 17 0.36 -0.18 19.90
C GLY A 17 0.47 -0.77 18.50
N CYS A 18 -0.20 -0.19 17.54
CA CYS A 18 -0.18 -0.67 16.15
C CYS A 18 0.93 0.07 15.35
N ARG A 19 2.01 -0.61 14.94
CA ARG A 19 3.10 0.07 14.22
C ARG A 19 2.95 0.20 12.71
N HIS A 20 2.25 -0.74 12.10
CA HIS A 20 2.20 -0.76 10.64
C HIS A 20 0.86 -1.26 10.19
N VAL A 21 0.14 -0.37 9.52
CA VAL A 21 -1.21 -0.67 9.03
C VAL A 21 -1.18 -0.77 7.49
N ALA A 22 -1.88 -1.77 6.94
CA ALA A 22 -1.91 -1.89 5.49
C ALA A 22 -3.37 -1.87 5.13
N ILE A 23 -3.73 -1.16 4.05
CA ILE A 23 -5.15 -1.08 3.73
C ILE A 23 -5.46 -1.51 2.31
N ILE A 24 -6.48 -2.36 2.15
CA ILE A 24 -6.94 -2.72 0.84
C ILE A 24 -8.09 -1.73 0.61
N MET A 25 -7.82 -0.72 -0.22
CA MET A 25 -8.77 0.40 -0.44
C MET A 25 -9.88 0.05 -1.42
N ALA A 26 -10.80 -0.81 -1.00
CA ALA A 26 -11.87 -1.27 -1.90
C ALA A 26 -13.23 -0.69 -1.63
N GLY A 27 -14.16 -0.93 -2.56
CA GLY A 27 -15.51 -0.41 -2.41
C GLY A 27 -15.76 0.93 -3.13
N ASN A 28 -14.77 1.43 -3.88
CA ASN A 28 -14.93 2.67 -4.63
C ASN A 28 -15.98 2.56 -5.78
N GLY A 29 -15.98 1.41 -6.49
CA GLY A 29 -16.96 1.18 -7.56
C GLY A 29 -18.37 1.06 -6.95
N ARG A 30 -18.49 0.26 -5.93
CA ARG A 30 -19.75 0.14 -5.23
C ARG A 30 -20.24 1.50 -4.73
N TRP A 31 -19.34 2.31 -4.21
CA TRP A 31 -19.73 3.59 -3.68
C TRP A 31 -20.27 4.52 -4.78
N ALA A 32 -19.62 4.48 -5.94
CA ALA A 32 -20.02 5.32 -7.07
C ALA A 32 -21.30 4.77 -7.72
N LYS A 33 -21.39 3.45 -7.83
CA LYS A 33 -22.58 2.81 -8.45
C LYS A 33 -23.86 3.11 -7.67
N LYS A 34 -23.79 3.15 -6.35
CA LYS A 34 -24.95 3.48 -5.51
C LYS A 34 -25.51 4.87 -5.77
N GLN A 35 -24.69 5.73 -6.37
CA GLN A 35 -25.09 7.10 -6.71
C GLN A 35 -25.27 7.28 -8.23
N GLY A 36 -25.28 6.19 -8.99
CA GLY A 36 -25.48 6.26 -10.43
C GLY A 36 -24.25 6.69 -11.21
N LYS A 37 -23.07 6.54 -10.60
CA LYS A 37 -21.85 7.03 -11.25
C LYS A 37 -20.84 5.93 -11.56
N ILE A 38 -19.85 6.22 -12.40
CA ILE A 38 -18.89 5.20 -12.80
C ILE A 38 -17.74 5.02 -11.80
N ARG A 39 -17.03 3.91 -11.93
CA ARG A 39 -15.94 3.58 -11.00
C ARG A 39 -14.92 4.67 -10.83
N ALA A 40 -14.57 5.32 -11.93
CA ALA A 40 -13.57 6.37 -11.94
C ALA A 40 -13.93 7.52 -10.98
N PHE A 41 -15.22 7.81 -10.84
CA PHE A 41 -15.69 8.86 -9.92
C PHE A 41 -15.41 8.44 -8.48
N GLY A 42 -15.56 7.14 -8.20
CA GLY A 42 -15.32 6.64 -6.88
C GLY A 42 -13.82 6.61 -6.57
N HIS A 43 -13.01 6.31 -7.58
CA HIS A 43 -11.57 6.28 -7.34
C HIS A 43 -11.05 7.70 -7.00
N LYS A 44 -11.61 8.71 -7.68
CA LYS A 44 -11.23 10.10 -7.40
C LYS A 44 -11.64 10.46 -5.97
N ALA A 45 -12.88 10.10 -5.59
CA ALA A 45 -13.34 10.34 -4.23
C ALA A 45 -12.45 9.51 -3.25
N GLY A 46 -11.94 8.37 -3.71
CA GLY A 46 -11.04 7.55 -2.91
C GLY A 46 -9.77 8.31 -2.57
N ALA A 47 -9.30 9.18 -3.48
CA ALA A 47 -8.11 10.00 -3.18
C ALA A 47 -8.34 10.87 -1.93
N LYS A 48 -9.55 11.35 -1.67
CA LYS A 48 -9.73 12.13 -0.44
C LYS A 48 -9.55 11.28 0.81
N SER A 49 -10.02 10.02 0.79
CA SER A 49 -9.84 9.12 1.93
C SER A 49 -8.40 8.81 2.14
N VAL A 50 -7.63 8.74 1.05
CA VAL A 50 -6.19 8.51 1.19
C VAL A 50 -5.60 9.67 2.00
N ARG A 51 -5.96 10.92 1.65
CA ARG A 51 -5.44 12.06 2.39
C ARG A 51 -5.76 11.98 3.88
N ARG A 52 -7.03 11.68 4.18
CA ARG A 52 -7.47 11.56 5.56
C ARG A 52 -6.74 10.45 6.33
N ALA A 53 -6.54 9.29 5.69
CA ALA A 53 -5.84 8.16 6.31
C ALA A 53 -4.35 8.46 6.57
N VAL A 54 -3.71 9.11 5.60
CA VAL A 54 -2.32 9.50 5.77
C VAL A 54 -2.16 10.49 6.93
N SER A 55 -3.05 11.49 6.97
CA SER A 55 -3.01 12.48 8.03
C SER A 55 -3.22 11.81 9.39
N PHE A 56 -4.22 10.94 9.49
CA PHE A 56 -4.53 10.22 10.71
C PHE A 56 -3.39 9.38 11.19
N ALA A 57 -2.79 8.61 10.28
CA ALA A 57 -1.62 7.77 10.61
C ALA A 57 -0.44 8.62 11.10
N ALA A 58 -0.05 9.64 10.33
CA ALA A 58 1.06 10.52 10.74
C ALA A 58 0.79 11.20 12.09
N ASN A 59 -0.46 11.55 12.39
CA ASN A 59 -0.76 12.22 13.66
C ASN A 59 -0.97 11.27 14.87
N ASN A 60 -1.00 9.96 14.61
CA ASN A 60 -1.22 9.02 15.66
C ASN A 60 -0.07 8.07 15.90
N GLY A 61 1.12 8.49 15.52
CA GLY A 61 2.33 7.70 15.77
C GLY A 61 2.53 6.39 15.02
N ILE A 62 1.78 6.19 13.95
CA ILE A 62 1.94 4.94 13.19
C ILE A 62 3.25 5.07 12.40
N GLU A 63 4.08 4.02 12.39
CA GLU A 63 5.37 4.04 11.67
C GLU A 63 5.29 3.87 10.16
N ALA A 64 4.38 3.02 9.70
CA ALA A 64 4.24 2.81 8.25
C ALA A 64 2.77 2.59 7.90
N LEU A 65 2.35 3.10 6.75
CA LEU A 65 0.97 2.93 6.25
C LEU A 65 1.18 2.45 4.83
N THR A 66 0.60 1.30 4.48
CA THR A 66 0.78 0.69 3.18
C THR A 66 -0.58 0.53 2.51
N LEU A 67 -0.77 1.19 1.36
CA LEU A 67 -2.10 1.25 0.70
C LEU A 67 -2.14 0.53 -0.61
N TYR A 68 -3.15 -0.33 -0.81
CA TYR A 68 -3.22 -1.10 -2.08
C TYR A 68 -3.98 -0.19 -3.03
N ALA A 69 -3.24 0.38 -3.98
CA ALA A 69 -3.77 1.35 -4.93
C ALA A 69 -3.95 0.79 -6.35
N PHE A 70 -3.23 -0.25 -6.71
CA PHE A 70 -3.41 -0.81 -8.08
C PHE A 70 -2.79 -2.18 -8.07
N SER A 71 -3.64 -3.22 -8.16
CA SER A 71 -3.19 -4.58 -8.16
C SER A 71 -2.67 -4.91 -9.56
N SER A 72 -1.79 -5.89 -9.67
CA SER A 72 -1.28 -6.24 -11.00
C SER A 72 -2.41 -6.88 -11.81
N GLU A 73 -3.51 -7.23 -11.16
CA GLU A 73 -4.58 -7.78 -11.95
C GLU A 73 -5.53 -6.69 -12.49
N ASN A 74 -5.43 -5.45 -11.99
CA ASN A 74 -6.30 -4.36 -12.45
C ASN A 74 -6.00 -3.85 -13.89
N TRP A 75 -5.03 -4.46 -14.54
CA TRP A 75 -4.75 -4.02 -15.92
C TRP A 75 -5.95 -4.49 -16.76
N ASN A 76 -6.69 -5.48 -16.28
CA ASN A 76 -7.82 -5.94 -17.07
C ASN A 76 -9.11 -5.14 -16.85
N ARG A 77 -9.05 -4.03 -16.12
CA ARG A 77 -10.28 -3.23 -15.92
C ARG A 77 -10.46 -2.46 -17.23
N PRO A 78 -11.59 -1.77 -17.41
CA PRO A 78 -11.78 -1.01 -18.68
C PRO A 78 -10.68 0.03 -18.91
N ALA A 79 -10.17 0.05 -20.13
CA ALA A 79 -9.10 0.95 -20.52
C ALA A 79 -9.24 2.37 -19.99
N GLN A 80 -10.45 2.92 -20.05
CA GLN A 80 -10.69 4.29 -19.57
C GLN A 80 -10.63 4.40 -18.04
N GLU A 81 -10.98 3.32 -17.36
CA GLU A 81 -10.92 3.32 -15.88
C GLU A 81 -9.43 3.32 -15.51
N VAL A 82 -8.66 2.48 -16.21
CA VAL A 82 -7.22 2.38 -15.98
C VAL A 82 -6.51 3.69 -16.28
N SER A 83 -6.75 4.29 -17.46
CA SER A 83 -6.15 5.59 -17.77
C SER A 83 -6.51 6.63 -16.74
N ALA A 84 -7.79 6.70 -16.34
CA ALA A 84 -8.17 7.71 -15.33
C ALA A 84 -7.35 7.48 -14.06
N LEU A 85 -7.09 6.23 -13.75
CA LEU A 85 -6.33 5.88 -12.56
C LEU A 85 -4.89 6.37 -12.68
N MET A 86 -4.29 6.12 -13.84
CA MET A 86 -2.92 6.55 -14.03
C MET A 86 -2.84 8.05 -13.91
N GLU A 87 -3.81 8.75 -14.49
CA GLU A 87 -3.79 10.20 -14.40
C GLU A 87 -4.01 10.67 -12.97
N LEU A 88 -4.75 9.88 -12.19
CA LEU A 88 -5.00 10.24 -10.76
C LEU A 88 -3.69 10.11 -9.98
N PHE A 89 -2.90 9.11 -10.31
CA PHE A 89 -1.62 8.91 -9.63
C PHE A 89 -0.66 10.04 -9.95
N VAL A 90 -0.61 10.41 -11.21
CA VAL A 90 0.29 11.49 -11.63
C VAL A 90 -0.10 12.75 -10.90
N TRP A 91 -1.41 12.98 -10.93
CA TRP A 91 -1.98 14.14 -10.30
C TRP A 91 -1.60 14.22 -8.81
N ALA A 92 -1.70 13.09 -8.11
CA ALA A 92 -1.34 13.05 -6.70
C ALA A 92 0.17 13.28 -6.50
N LEU A 93 1.01 12.71 -7.37
CA LEU A 93 2.43 12.92 -7.21
C LEU A 93 2.83 14.41 -7.42
N ASP A 94 1.97 15.13 -8.14
CA ASP A 94 2.14 16.56 -8.42
C ASP A 94 1.59 17.43 -7.35
N SER A 95 0.51 17.01 -6.75
CA SER A 95 -0.13 17.83 -5.76
C SER A 95 0.17 17.59 -4.32
N GLU A 96 0.47 16.35 -3.94
CA GLU A 96 0.67 16.10 -2.52
C GLU A 96 2.09 15.97 -2.08
N VAL A 97 3.00 15.78 -3.02
CA VAL A 97 4.39 15.56 -2.65
C VAL A 97 5.02 16.64 -1.77
N LYS A 98 4.81 17.91 -2.06
CA LYS A 98 5.38 18.96 -1.20
C LYS A 98 4.85 18.81 0.21
N SER A 99 3.56 18.56 0.32
CA SER A 99 2.91 18.40 1.60
C SER A 99 3.48 17.15 2.34
N LEU A 100 3.65 16.02 1.65
CA LEU A 100 4.21 14.85 2.34
C LEU A 100 5.57 15.26 2.85
N HIS A 101 6.30 15.99 2.00
CA HIS A 101 7.63 16.39 2.39
C HIS A 101 7.59 17.28 3.66
N ARG A 102 6.72 18.30 3.69
CA ARG A 102 6.64 19.16 4.86
C ARG A 102 6.27 18.38 6.11
N HIS A 103 5.49 17.30 5.95
CA HIS A 103 5.00 16.50 7.10
C HIS A 103 5.92 15.38 7.55
N ASN A 104 7.11 15.36 6.95
CA ASN A 104 8.17 14.43 7.29
C ASN A 104 7.82 13.00 6.91
N VAL A 105 7.03 12.84 5.85
CA VAL A 105 6.59 11.51 5.39
C VAL A 105 7.59 11.05 4.33
N ARG A 106 7.97 9.79 4.43
CA ARG A 106 8.88 9.18 3.48
C ARG A 106 8.03 8.34 2.53
N LEU A 107 8.03 8.70 1.24
CA LEU A 107 7.20 8.00 0.25
C LEU A 107 7.90 6.88 -0.48
N ARG A 108 7.27 5.71 -0.56
CA ARG A 108 7.85 4.62 -1.31
C ARG A 108 6.74 4.00 -2.16
N ILE A 109 7.05 3.59 -3.37
CA ILE A 109 6.07 2.91 -4.19
C ILE A 109 6.59 1.47 -4.25
N ILE A 110 5.73 0.49 -3.98
CA ILE A 110 6.17 -0.90 -4.11
C ILE A 110 5.31 -1.53 -5.21
N GLY A 111 5.93 -2.41 -5.99
CA GLY A 111 5.25 -3.01 -7.12
C GLY A 111 6.19 -2.87 -8.33
N ASP A 112 5.73 -3.36 -9.47
CA ASP A 112 6.52 -3.36 -10.71
C ASP A 112 6.32 -2.07 -11.50
N THR A 113 7.10 -1.04 -11.14
CA THR A 113 6.96 0.27 -11.75
C THR A 113 7.46 0.38 -13.18
N SER A 114 8.24 -0.60 -13.62
CA SER A 114 8.74 -0.63 -14.98
C SER A 114 7.64 -0.68 -16.03
N ARG A 115 6.41 -1.01 -15.61
CA ARG A 115 5.31 -1.10 -16.55
C ARG A 115 4.49 0.18 -16.67
N PHE A 116 4.82 1.18 -15.87
CA PHE A 116 4.07 2.43 -15.94
C PHE A 116 4.64 3.34 -17.02
N ASN A 117 3.88 4.38 -17.42
CA ASN A 117 4.40 5.32 -18.43
C ASN A 117 5.57 6.13 -17.88
N SER A 118 6.43 6.59 -18.80
CA SER A 118 7.63 7.36 -18.51
C SER A 118 7.46 8.46 -17.49
N ARG A 119 6.52 9.34 -17.77
CA ARG A 119 6.23 10.45 -16.90
C ARG A 119 5.83 9.98 -15.50
N LEU A 120 5.07 8.89 -15.41
CA LEU A 120 4.67 8.38 -14.10
C LEU A 120 5.92 7.87 -13.38
N GLN A 121 6.75 7.08 -14.07
CA GLN A 121 7.98 6.57 -13.47
C GLN A 121 8.96 7.67 -12.99
N GLU A 122 9.10 8.72 -13.79
CA GLU A 122 10.00 9.83 -13.44
C GLU A 122 9.47 10.54 -12.21
N ARG A 123 8.16 10.69 -12.13
CA ARG A 123 7.59 11.34 -10.98
C ARG A 123 7.75 10.49 -9.72
N ILE A 124 7.56 9.17 -9.84
CA ILE A 124 7.74 8.32 -8.68
C ILE A 124 9.17 8.44 -8.18
N ARG A 125 10.13 8.30 -9.09
CA ARG A 125 11.53 8.38 -8.75
C ARG A 125 11.87 9.73 -8.07
N LYS A 126 11.32 10.84 -8.55
CA LYS A 126 11.66 12.14 -7.92
C LYS A 126 11.00 12.35 -6.55
N SER A 127 9.78 11.88 -6.39
CA SER A 127 9.06 12.03 -5.12
C SER A 127 9.71 11.18 -4.02
N GLU A 128 10.16 9.99 -4.39
CA GLU A 128 10.84 9.10 -3.44
C GLU A 128 12.16 9.75 -3.04
N ALA A 129 12.84 10.36 -4.03
CA ALA A 129 14.17 11.00 -3.80
C ALA A 129 14.02 12.17 -2.86
N LEU A 130 13.02 13.00 -3.15
CA LEU A 130 12.75 14.13 -2.34
C LEU A 130 12.48 13.81 -0.87
N THR A 131 11.80 12.70 -0.59
CA THR A 131 11.44 12.34 0.78
C THR A 131 12.24 11.20 1.40
N ALA A 132 13.24 10.72 0.66
CA ALA A 132 14.06 9.61 1.15
C ALA A 132 14.67 9.80 2.54
N GLY A 133 15.01 11.05 2.90
CA GLY A 133 15.61 11.31 4.21
C GLY A 133 14.58 11.65 5.30
N ASN A 134 13.29 11.62 4.96
CA ASN A 134 12.28 11.92 5.98
C ASN A 134 12.21 10.83 7.03
N THR A 135 11.90 11.21 8.25
CA THR A 135 11.91 10.30 9.38
C THR A 135 10.62 10.06 10.12
N GLY A 136 9.49 10.50 9.56
CA GLY A 136 8.22 10.29 10.22
C GLY A 136 7.55 9.03 9.68
N LEU A 137 6.30 9.19 9.27
CA LEU A 137 5.56 8.07 8.70
C LEU A 137 6.19 7.58 7.39
N THR A 138 6.30 6.28 7.20
CA THR A 138 6.73 5.82 5.86
C THR A 138 5.39 5.47 5.18
N LEU A 139 5.15 6.01 4.00
CA LEU A 139 3.93 5.74 3.30
C LEU A 139 4.30 4.93 2.07
N ASN A 140 3.81 3.70 2.02
CA ASN A 140 4.04 2.82 0.90
C ASN A 140 2.78 2.72 0.08
N ILE A 141 2.90 3.02 -1.19
CA ILE A 141 1.79 2.92 -2.11
C ILE A 141 2.09 1.67 -2.97
N ALA A 142 1.26 0.63 -2.85
CA ALA A 142 1.44 -0.60 -3.62
C ALA A 142 0.71 -0.38 -4.96
N ALA A 143 1.50 -0.26 -6.02
CA ALA A 143 1.03 0.04 -7.37
C ALA A 143 1.63 -0.92 -8.34
N ASN A 144 0.76 -1.62 -9.08
CA ASN A 144 1.16 -2.72 -9.98
C ASN A 144 1.89 -3.72 -9.08
N TYR A 145 1.23 -3.99 -7.94
CA TYR A 145 1.77 -4.88 -6.94
C TYR A 145 0.95 -6.17 -6.79
N GLY A 146 1.68 -7.24 -6.50
CA GLY A 146 1.07 -8.52 -6.21
C GLY A 146 1.95 -9.18 -5.16
N GLY A 147 1.35 -9.86 -4.20
CA GLY A 147 2.14 -10.51 -3.17
C GLY A 147 3.00 -11.66 -3.67
N ARG A 148 2.48 -12.41 -4.63
CA ARG A 148 3.24 -13.52 -5.21
C ARG A 148 4.42 -12.93 -6.01
N TRP A 149 4.13 -11.90 -6.79
CA TRP A 149 5.18 -11.24 -7.57
C TRP A 149 6.30 -10.75 -6.63
N ASP A 150 5.91 -10.15 -5.49
CA ASP A 150 6.84 -9.62 -4.50
C ASP A 150 7.81 -10.76 -4.06
N ILE A 151 7.22 -11.90 -3.67
CA ILE A 151 7.99 -13.05 -3.25
C ILE A 151 8.92 -13.52 -4.40
N VAL A 152 8.41 -13.60 -5.61
CA VAL A 152 9.23 -14.01 -6.74
C VAL A 152 10.44 -13.08 -6.99
N GLN A 153 10.28 -11.78 -6.75
CA GLN A 153 11.41 -10.87 -6.95
C GLN A 153 12.54 -11.22 -5.97
N GLY A 154 12.18 -11.57 -4.74
CA GLY A 154 13.19 -11.90 -3.77
C GLY A 154 13.84 -13.22 -4.18
N VAL A 155 13.01 -14.13 -4.67
CA VAL A 155 13.50 -15.43 -5.09
C VAL A 155 14.54 -15.30 -6.24
N ARG A 156 14.30 -14.38 -7.18
CA ARG A 156 15.21 -14.15 -8.29
C ARG A 156 16.53 -13.55 -7.76
N GLN A 157 16.44 -12.67 -6.77
CA GLN A 157 17.64 -12.07 -6.20
C GLN A 157 18.49 -13.17 -5.62
N LEU A 158 17.86 -14.15 -4.99
CA LEU A 158 18.59 -15.24 -4.39
C LEU A 158 19.07 -16.24 -5.46
N ALA A 159 18.24 -16.51 -6.46
CA ALA A 159 18.62 -17.43 -7.52
C ALA A 159 19.89 -16.87 -8.23
N GLU A 160 19.96 -15.55 -8.39
CA GLU A 160 21.11 -14.91 -9.02
C GLU A 160 22.33 -15.22 -8.16
N LYS A 161 22.18 -15.12 -6.83
CA LYS A 161 23.28 -15.40 -5.93
C LYS A 161 23.72 -16.83 -6.02
N VAL A 162 22.76 -17.72 -6.29
CA VAL A 162 23.10 -19.13 -6.43
C VAL A 162 23.92 -19.31 -7.72
N GLN A 163 23.52 -18.57 -8.75
CA GLN A 163 24.17 -18.54 -10.07
C GLN A 163 25.63 -18.16 -9.87
N GLN A 164 25.84 -16.96 -9.36
CA GLN A 164 27.18 -16.44 -9.12
C GLN A 164 28.07 -17.29 -8.22
N GLY A 165 27.54 -18.38 -7.69
CA GLY A 165 28.33 -19.24 -6.82
C GLY A 165 28.49 -18.63 -5.45
N ASN A 166 27.74 -17.57 -5.18
CA ASN A 166 27.84 -16.90 -3.88
C ASN A 166 26.87 -17.39 -2.79
N LEU A 167 26.05 -18.39 -3.12
CA LEU A 167 25.06 -18.94 -2.19
C LEU A 167 24.71 -20.38 -2.50
N GLN A 168 24.63 -21.22 -1.48
CA GLN A 168 24.27 -22.61 -1.67
C GLN A 168 22.76 -22.78 -1.48
N PRO A 169 22.09 -23.57 -2.34
CA PRO A 169 20.65 -23.77 -2.17
C PRO A 169 20.21 -24.13 -0.74
N ASP A 170 21.08 -24.81 0.02
CA ASP A 170 20.69 -25.21 1.37
C ASP A 170 20.89 -24.17 2.44
N GLN A 171 21.32 -22.99 2.03
CA GLN A 171 21.54 -21.86 2.95
C GLN A 171 20.30 -20.96 2.94
N ILE A 172 19.41 -21.19 2.00
CA ILE A 172 18.20 -20.37 1.88
C ILE A 172 17.18 -20.73 2.95
N ASP A 173 16.91 -19.78 3.85
CA ASP A 173 15.87 -20.05 4.84
C ASP A 173 14.88 -18.88 4.87
N GLU A 174 13.89 -18.93 5.76
CA GLU A 174 12.87 -17.88 5.81
C GLU A 174 13.42 -16.49 6.04
N GLU A 175 14.32 -16.37 6.98
CA GLU A 175 14.89 -15.05 7.30
C GLU A 175 15.60 -14.49 6.09
N MET A 176 16.33 -15.33 5.35
CA MET A 176 17.02 -14.82 4.17
C MET A 176 16.02 -14.38 3.11
N LEU A 177 14.92 -15.10 2.90
CA LEU A 177 13.99 -14.65 1.90
C LEU A 177 13.30 -13.41 2.43
N ASN A 178 13.10 -13.37 3.74
CA ASN A 178 12.44 -12.22 4.35
C ASN A 178 13.25 -10.96 4.11
N GLN A 179 14.57 -11.09 3.92
CA GLN A 179 15.34 -9.86 3.71
C GLN A 179 15.31 -9.37 2.26
N HIS A 180 14.60 -10.13 1.42
CA HIS A 180 14.46 -9.81 0.03
C HIS A 180 13.01 -9.59 -0.42
N VAL A 181 12.05 -9.45 0.51
CA VAL A 181 10.68 -9.11 0.09
C VAL A 181 10.44 -7.62 0.37
N CYS A 182 9.42 -7.03 -0.24
CA CYS A 182 9.19 -5.60 -0.01
C CYS A 182 8.99 -5.24 1.44
N MET A 183 9.51 -4.06 1.80
CA MET A 183 9.35 -3.47 3.13
C MET A 183 10.06 -4.21 4.26
N HIS A 184 11.09 -4.99 3.94
CA HIS A 184 11.75 -5.74 4.98
C HIS A 184 12.51 -4.79 5.96
N GLU A 185 12.69 -3.54 5.57
CA GLU A 185 13.37 -2.53 6.43
C GLU A 185 12.40 -1.89 7.42
N LEU A 186 11.10 -2.20 7.31
CA LEU A 186 10.11 -1.63 8.20
C LEU A 186 9.53 -2.64 9.20
N ALA A 187 8.85 -2.11 10.19
CA ALA A 187 8.21 -2.93 11.19
C ALA A 187 7.26 -3.86 10.40
N PRO A 188 7.02 -5.08 10.89
CA PRO A 188 6.11 -6.00 10.22
C PRO A 188 4.66 -5.46 10.26
N VAL A 189 3.87 -5.82 9.26
CA VAL A 189 2.48 -5.39 9.21
C VAL A 189 1.69 -5.97 10.42
N ASP A 190 1.04 -5.11 11.18
CA ASP A 190 0.30 -5.53 12.39
C ASP A 190 -1.18 -5.66 12.14
N LEU A 191 -1.64 -4.80 11.26
CA LEU A 191 -3.06 -4.76 10.95
C LEU A 191 -3.34 -4.53 9.47
N VAL A 192 -4.15 -5.41 8.88
CA VAL A 192 -4.60 -5.23 7.47
C VAL A 192 -6.11 -4.82 7.55
N ILE A 193 -6.49 -3.73 6.90
CA ILE A 193 -7.88 -3.30 6.90
C ILE A 193 -8.41 -3.44 5.44
N ARG A 194 -9.59 -4.06 5.25
CA ARG A 194 -10.15 -4.06 3.93
C ARG A 194 -11.55 -3.47 3.98
N THR A 195 -11.72 -2.35 3.27
CA THR A 195 -13.04 -1.72 3.21
C THR A 195 -13.83 -2.31 2.05
N GLY A 196 -15.14 -2.03 1.99
CA GLY A 196 -15.92 -2.51 0.86
C GLY A 196 -16.74 -3.76 1.04
N GLY A 197 -16.52 -4.51 2.10
CA GLY A 197 -17.39 -5.65 2.27
C GLY A 197 -16.88 -7.01 1.88
N GLU A 198 -15.84 -7.08 1.07
CA GLU A 198 -15.33 -8.39 0.65
C GLU A 198 -14.33 -8.92 1.67
N HIS A 199 -14.28 -10.25 1.82
CA HIS A 199 -13.40 -10.86 2.81
C HIS A 199 -12.31 -11.69 2.19
N ARG A 200 -11.41 -11.05 1.46
CA ARG A 200 -10.30 -11.71 0.77
C ARG A 200 -9.16 -10.72 0.92
N ILE A 201 -7.91 -11.23 0.84
CA ILE A 201 -6.76 -10.33 0.93
C ILE A 201 -6.26 -10.09 -0.50
N SER A 202 -6.83 -10.81 -1.48
CA SER A 202 -6.55 -10.54 -2.90
C SER A 202 -5.10 -10.33 -3.30
N ASN A 203 -4.23 -11.28 -2.95
CA ASN A 203 -2.84 -11.19 -3.34
C ASN A 203 -2.11 -9.93 -2.79
N PHE A 204 -2.50 -9.47 -1.61
CA PHE A 204 -1.86 -8.32 -0.97
C PHE A 204 -0.92 -8.73 0.19
N LEU A 205 0.38 -8.49 0.03
CA LEU A 205 1.35 -8.74 1.11
C LEU A 205 1.33 -10.16 1.72
N LEU A 206 1.20 -11.19 0.89
CA LEU A 206 1.07 -12.53 1.41
C LEU A 206 2.14 -12.92 2.43
N TRP A 207 3.38 -12.65 2.11
CA TRP A 207 4.46 -13.08 2.98
C TRP A 207 4.39 -12.25 4.26
N GLN A 208 4.20 -10.95 4.07
CA GLN A 208 4.20 -10.01 5.20
C GLN A 208 3.04 -10.07 6.15
N ILE A 209 1.91 -10.66 5.75
CA ILE A 209 0.77 -10.67 6.66
C ILE A 209 0.63 -11.94 7.50
N ALA A 210 1.71 -12.71 7.60
CA ALA A 210 1.69 -13.96 8.33
C ALA A 210 1.09 -13.88 9.74
N TYR A 211 1.36 -12.80 10.48
CA TYR A 211 0.83 -12.67 11.82
C TYR A 211 -0.01 -11.41 12.07
N ALA A 212 -0.44 -10.79 10.99
CA ALA A 212 -1.19 -9.57 11.12
C ALA A 212 -2.65 -9.79 11.52
N GLU A 213 -3.21 -8.84 12.27
CA GLU A 213 -4.67 -8.90 12.55
C GLU A 213 -5.33 -8.47 11.24
N LEU A 214 -6.46 -9.10 10.88
CA LEU A 214 -7.17 -8.77 9.67
C LEU A 214 -8.49 -8.16 10.09
N TYR A 215 -8.81 -7.03 9.53
CA TYR A 215 -10.05 -6.33 9.90
C TYR A 215 -10.86 -5.99 8.66
N PHE A 216 -12.07 -6.57 8.56
CA PHE A 216 -12.94 -6.32 7.40
C PHE A 216 -14.13 -5.43 7.81
N THR A 217 -14.42 -4.40 7.00
CA THR A 217 -15.53 -3.53 7.30
C THR A 217 -16.35 -3.26 6.06
N ASP A 218 -17.66 -3.18 6.23
CA ASP A 218 -18.53 -2.91 5.08
C ASP A 218 -18.45 -1.46 4.65
N VAL A 219 -17.83 -0.61 5.48
CA VAL A 219 -17.66 0.80 5.09
C VAL A 219 -16.91 0.83 3.72
N LEU A 220 -17.38 1.68 2.81
CA LEU A 220 -16.77 1.79 1.46
C LEU A 220 -15.56 2.75 1.49
N TRP A 221 -14.50 2.45 0.73
CA TRP A 221 -13.31 3.30 0.86
C TRP A 221 -13.55 4.84 0.82
N PRO A 222 -14.35 5.35 -0.14
CA PRO A 222 -14.56 6.81 -0.13
C PRO A 222 -15.21 7.39 1.16
N ASP A 223 -15.87 6.55 1.96
CA ASP A 223 -16.50 6.99 3.23
C ASP A 223 -15.63 6.75 4.45
N PHE A 224 -14.55 5.99 4.28
CA PHE A 224 -13.68 5.63 5.41
C PHE A 224 -13.08 6.91 6.02
N ASP A 225 -13.34 7.16 7.29
CA ASP A 225 -12.86 8.40 7.91
C ASP A 225 -12.07 8.12 9.17
N GLU A 226 -11.78 9.16 9.95
CA GLU A 226 -10.99 8.98 11.18
C GLU A 226 -11.62 8.13 12.25
N GLN A 227 -12.92 8.20 12.36
CA GLN A 227 -13.59 7.39 13.36
C GLN A 227 -13.52 5.92 12.93
N ASP A 228 -13.57 5.66 11.63
CA ASP A 228 -13.49 4.27 11.14
C ASP A 228 -12.09 3.72 11.40
N PHE A 229 -11.07 4.53 11.15
CA PHE A 229 -9.70 4.14 11.34
C PHE A 229 -9.48 3.89 12.87
N GLU A 230 -10.00 4.78 13.72
CA GLU A 230 -9.86 4.62 15.19
C GLU A 230 -10.54 3.32 15.57
N GLY A 231 -11.68 3.04 14.95
CA GLY A 231 -12.40 1.80 15.20
C GLY A 231 -11.60 0.56 14.88
N ALA A 232 -10.93 0.55 13.73
CA ALA A 232 -10.10 -0.58 13.34
C ALA A 232 -8.93 -0.74 14.33
N LEU A 233 -8.43 0.37 14.86
CA LEU A 233 -7.34 0.33 15.80
C LEU A 233 -7.73 -0.25 17.17
N ASN A 234 -8.95 0.04 17.60
CA ASN A 234 -9.47 -0.44 18.86
C ASN A 234 -9.79 -1.93 18.74
N ALA A 235 -10.10 -2.40 17.54
CA ALA A 235 -10.36 -3.82 17.39
C ALA A 235 -9.00 -4.46 17.58
N PHE A 236 -7.98 -3.75 17.15
CA PHE A 236 -6.65 -4.27 17.23
C PHE A 236 -6.24 -4.30 18.69
N ALA A 237 -6.42 -3.19 19.42
CA ALA A 237 -6.04 -3.11 20.84
C ALA A 237 -6.70 -4.23 21.62
N ASN A 238 -7.90 -4.61 21.18
CA ASN A 238 -8.61 -5.70 21.82
C ASN A 238 -8.32 -6.93 20.96
N ARG A 239 -7.09 -7.04 20.47
CA ARG A 239 -6.70 -8.20 19.66
C ARG A 239 -6.48 -9.38 20.58
N GLU A 240 -6.90 -9.24 21.84
CA GLU A 240 -6.75 -10.31 22.83
C GLU A 240 -7.27 -11.65 22.30
C1 FPS B . -9.83 -1.84 -6.68
S1 FPS B . -11.35 -2.33 -5.92
C2 FPS B . -9.35 -0.42 -6.51
C3 FPS B . -8.70 0.26 -7.50
C4 FPS B . -8.39 -0.32 -8.91
C5 FPS B . -8.27 1.66 -7.25
C6 FPS B . -7.82 2.00 -5.82
C7 FPS B . -7.38 3.47 -5.79
C8 FPS B . -7.89 4.51 -5.09
C10 FPS B . -7.21 5.83 -5.32
C9 FPS B . -9.08 4.47 -4.14
C11 FPS B . -6.06 6.00 -4.41
C12 FPS B . -5.37 7.31 -4.62
C13 FPS B . -4.09 7.60 -4.48
C14 FPS B . -3.06 6.58 -4.06
C15 FPS B . -3.51 9.00 -4.71
PA FPS B . -12.62 -0.88 -6.62
O1A FPS B . -13.00 0.12 -5.54
O2A FPS B . -12.21 -0.32 -7.97
O3A FPS B . -14.05 -1.51 -6.92
PB FPS B . -15.01 -2.24 -5.86
O1B FPS B . -15.75 -3.46 -6.37
O2B FPS B . -16.01 -1.24 -5.34
O3B FPS B . -14.27 -2.81 -4.60
C6 FPS C . -2.07 13.22 1.50
C7 FPS C . -1.68 12.35 0.27
C8 FPS C . -2.46 11.98 -0.81
C10 FPS C . -1.84 11.11 -1.90
C9 FPS C . -3.93 12.40 -1.03
C11 FPS C . -0.51 10.36 -1.63
C12 FPS C . -0.12 9.42 -2.76
C13 FPS C . 0.87 9.51 -3.69
C14 FPS C . 1.83 10.66 -3.77
C15 FPS C . 1.13 8.44 -4.76
C1 IPE D . -8.22 -5.50 -4.88
C2 IPE D . -7.23 -4.44 -5.31
C3 IPE D . -7.12 -3.17 -4.80
C4 IPE D . -8.03 -2.61 -3.68
C5 IPE D . -6.04 -2.26 -5.39
#